data_2RE8
#
_entry.id   2RE8
#
_cell.length_a   237.142
_cell.length_b   92.907
_cell.length_c   115.512
_cell.angle_alpha   90.000
_cell.angle_beta   90.000
_cell.angle_gamma   90.000
#
_symmetry.space_group_name_H-M   'C 2 2 21'
#
loop_
_entity.id
_entity.type
_entity.pdbx_description
1 polymer 'Glutamine tRNA'
2 polymer 'Glutaminyl-tRNA synthetase'
3 non-polymer 'SULFATE ION'
4 non-polymer "O5'-(L-GLUTAMYL-SULFAMOYL)-ADENOSINE"
5 water water
#
loop_
_entity_poly.entity_id
_entity_poly.type
_entity_poly.pdbx_seq_one_letter_code
_entity_poly.pdbx_strand_id
1 'polyribonucleotide' GGGGGUAUCGCCAAGCGGUAAGGCACCGGAUUCUGAUUCCGGCAUUCCGAGGUUCGAAUCCUCGUACCCCAGCCA B
2 'polypeptide(L)'
;MSEAEARPTNFIRQIIDEDLASGKHTTVHTRFPPEPNGYLHIGHAKSICLNFGIAQDYKGQCNLRFDDTNPVKEDIEYVE
SIKNDVEWLGFHWSGNVRYSSDYFDQLHAYAIELINKGLAYVDELTPEQIREYRGTLTQPGKNSPYRDRSVEENLALFEK
MRAGGFEEGKACLRAKIDMASPFIVMRDPVLYRIKFAEHHQTGNKWCIYPMYDFTHCISDALEGITHSLRTLEFQDNRRL
YDWVLDNITIPVHPRQYEFSRLNLEYTVMSKRKLNLLVTDKHVEGWDDPRMPTISGLRRRGYTAASIREFCKRIGVTKQD
NTIEMASLESCIREDLNENAPRAMAVIDPVKLVIENYQGEGEMVTMPNHPNKPEMGSRQVPFSGEIWIDRADFREEANKQ
YKRLVLGKEVRLRNAYVIKAERVEKDAEGNITTIFCTYDADTLSKDPADGRKVKGVIHWVSAAHALPVEIRLYDRLFSVP
NPGAADDFLSVINPESLVIKQGFAEPSLKDAVAGKAFQFEREGYFCLDSRHSTAEKPVFNRTVGLRDTLEHHHHHH
;
A
#
# COMPACT_ATOMS: atom_id res chain seq x y z
N THR B 9 0.12 22.88 1.61
CA THR B 9 -0.11 23.51 0.27
C THR B 9 0.87 22.94 -0.76
N ASN B 10 0.43 22.83 -2.01
CA ASN B 10 1.29 22.34 -3.06
C ASN B 10 0.88 23.05 -4.34
N PHE B 11 1.71 22.97 -5.38
CA PHE B 11 1.37 23.68 -6.60
C PHE B 11 -0.05 23.43 -7.07
N ILE B 12 -0.50 22.19 -7.06
CA ILE B 12 -1.86 21.90 -7.50
C ILE B 12 -2.92 22.61 -6.67
N ARG B 13 -2.76 22.63 -5.35
CA ARG B 13 -3.74 23.31 -4.51
C ARG B 13 -3.74 24.82 -4.76
N GLN B 14 -2.58 25.37 -5.11
CA GLN B 14 -2.47 26.80 -5.38
C GLN B 14 -3.15 27.13 -6.71
N ILE B 15 -3.07 26.21 -7.66
CA ILE B 15 -3.72 26.41 -8.94
C ILE B 15 -5.22 26.46 -8.67
N ILE B 16 -5.69 25.51 -7.86
CA ILE B 16 -7.10 25.44 -7.51
C ILE B 16 -7.54 26.77 -6.91
N ASP B 17 -6.75 27.30 -5.98
CA ASP B 17 -7.08 28.57 -5.35
C ASP B 17 -7.24 29.64 -6.43
N GLU B 18 -6.30 29.63 -7.37
CA GLU B 18 -6.32 30.59 -8.48
C GLU B 18 -7.58 30.42 -9.33
N ASP B 19 -7.92 29.17 -9.64
CA ASP B 19 -9.11 28.87 -10.43
C ASP B 19 -10.36 29.34 -9.70
N LEU B 20 -10.43 29.05 -8.40
CA LEU B 20 -11.58 29.44 -7.61
C LEU B 20 -11.73 30.94 -7.64
N ALA B 21 -10.67 31.64 -7.24
CA ALA B 21 -10.68 33.09 -7.21
C ALA B 21 -11.18 33.71 -8.52
N SER B 22 -10.50 33.41 -9.63
CA SER B 22 -10.88 33.95 -10.95
C SER B 22 -12.28 33.52 -11.42
N GLY B 23 -12.91 32.60 -10.69
CA GLY B 23 -14.23 32.15 -11.07
C GLY B 23 -14.27 31.10 -12.17
N LYS B 24 -13.10 30.66 -12.65
CA LYS B 24 -13.04 29.65 -13.70
C LYS B 24 -13.85 28.43 -13.25
N HIS B 25 -13.84 28.17 -11.95
CA HIS B 25 -14.58 27.06 -11.35
C HIS B 25 -15.33 27.56 -10.13
N THR B 26 -16.34 26.80 -9.71
CA THR B 26 -17.12 27.17 -8.54
C THR B 26 -17.16 25.99 -7.57
N THR B 27 -16.63 24.86 -8.01
CA THR B 27 -16.54 23.65 -7.20
C THR B 27 -15.41 22.83 -7.81
N VAL B 28 -14.71 22.08 -6.96
CA VAL B 28 -13.63 21.25 -7.47
C VAL B 28 -14.15 19.82 -7.56
N HIS B 29 -13.82 19.16 -8.66
CA HIS B 29 -14.28 17.79 -8.84
C HIS B 29 -13.13 16.94 -9.34
N THR B 30 -12.62 16.10 -8.45
CA THR B 30 -11.49 15.23 -8.75
C THR B 30 -11.91 13.77 -8.87
N ARG B 31 -10.95 12.91 -9.18
CA ARG B 31 -11.24 11.47 -9.24
C ARG B 31 -10.03 10.57 -8.97
N PHE B 32 -10.30 9.40 -8.42
CA PHE B 32 -9.26 8.39 -8.18
C PHE B 32 -9.70 7.28 -9.13
N PRO B 33 -8.96 7.11 -10.24
CA PRO B 33 -9.28 6.10 -11.28
C PRO B 33 -8.34 4.92 -11.44
N PRO B 34 -8.23 4.04 -10.43
CA PRO B 34 -7.33 2.90 -10.60
C PRO B 34 -7.86 1.78 -11.49
N GLU B 35 -6.94 1.05 -12.13
CA GLU B 35 -7.32 -0.10 -12.96
C GLU B 35 -7.41 -1.26 -11.98
N PRO B 36 -8.49 -2.04 -12.04
CA PRO B 36 -8.55 -3.15 -11.08
C PRO B 36 -7.75 -4.35 -11.63
N ASN B 37 -6.43 -4.16 -11.71
CA ASN B 37 -5.52 -5.20 -12.21
C ASN B 37 -4.54 -5.69 -11.15
N GLY B 38 -4.83 -5.35 -9.90
CA GLY B 38 -4.00 -5.77 -8.80
C GLY B 38 -4.42 -4.94 -7.60
N TYR B 39 -3.77 -5.14 -6.46
CA TYR B 39 -4.10 -4.36 -5.26
C TYR B 39 -3.45 -2.98 -5.28
N LEU B 40 -3.86 -2.13 -4.35
CA LEU B 40 -3.32 -0.77 -4.22
C LEU B 40 -2.10 -0.76 -3.30
N HIS B 41 -1.14 0.11 -3.58
CA HIS B 41 0.03 0.22 -2.73
C HIS B 41 0.10 1.63 -2.14
N ILE B 42 1.08 1.84 -1.26
CA ILE B 42 1.27 3.11 -0.59
C ILE B 42 1.34 4.27 -1.60
N GLY B 43 1.76 3.96 -2.83
CA GLY B 43 1.83 4.98 -3.86
C GLY B 43 0.43 5.47 -4.22
N HIS B 44 -0.48 4.51 -4.37
CA HIS B 44 -1.88 4.79 -4.67
C HIS B 44 -2.48 5.57 -3.50
N ALA B 45 -1.94 5.35 -2.31
CA ALA B 45 -2.45 6.07 -1.15
C ALA B 45 -2.16 7.55 -1.35
N LYS B 46 -0.99 7.84 -1.90
CA LYS B 46 -0.61 9.24 -2.14
C LYS B 46 -1.66 9.87 -3.09
N SER B 47 -2.06 9.12 -4.10
CA SER B 47 -3.05 9.62 -5.06
C SER B 47 -4.43 9.79 -4.39
N ILE B 48 -4.78 8.81 -3.56
CA ILE B 48 -6.05 8.83 -2.86
C ILE B 48 -6.18 10.05 -1.93
N CYS B 49 -5.16 10.27 -1.12
CA CYS B 49 -5.15 11.40 -0.21
C CYS B 49 -5.25 12.69 -1.01
N LEU B 50 -4.42 12.80 -2.05
CA LEU B 50 -4.42 13.98 -2.91
C LEU B 50 -5.82 14.29 -3.47
N ASN B 51 -6.38 13.34 -4.21
CA ASN B 51 -7.69 13.51 -4.83
C ASN B 51 -8.88 13.65 -3.89
N PHE B 52 -8.97 12.79 -2.88
CA PHE B 52 -10.08 12.89 -1.97
C PHE B 52 -9.85 14.04 -1.00
N GLY B 53 -8.59 14.25 -0.62
CA GLY B 53 -8.26 15.30 0.32
C GLY B 53 -8.63 16.66 -0.20
N ILE B 54 -8.36 16.89 -1.48
CA ILE B 54 -8.70 18.17 -2.08
C ILE B 54 -10.21 18.33 -2.10
N ALA B 55 -10.90 17.24 -2.40
CA ALA B 55 -12.36 17.26 -2.45
C ALA B 55 -12.95 17.71 -1.11
N GLN B 56 -12.58 17.06 -0.02
CA GLN B 56 -13.16 17.48 1.25
C GLN B 56 -12.63 18.84 1.74
N ASP B 57 -11.39 19.17 1.47
CA ASP B 57 -10.88 20.47 1.92
C ASP B 57 -11.57 21.65 1.21
N TYR B 58 -12.09 21.43 0.00
CA TYR B 58 -12.75 22.48 -0.77
C TYR B 58 -14.26 22.32 -0.93
N LYS B 59 -14.84 21.39 -0.18
CA LYS B 59 -16.27 21.12 -0.26
C LYS B 59 -16.65 20.66 -1.67
N GLY B 60 -15.73 19.95 -2.33
CA GLY B 60 -15.98 19.48 -3.68
C GLY B 60 -16.35 18.00 -3.76
N GLN B 61 -16.06 17.38 -4.90
CA GLN B 61 -16.39 15.97 -5.10
C GLN B 61 -15.26 15.14 -5.70
N CYS B 62 -15.09 13.93 -5.18
CA CYS B 62 -14.08 13.02 -5.69
C CYS B 62 -14.74 11.70 -6.03
N ASN B 63 -14.64 11.32 -7.31
CA ASN B 63 -15.24 10.07 -7.75
C ASN B 63 -14.27 8.91 -7.66
N LEU B 64 -14.83 7.73 -7.45
CA LEU B 64 -14.03 6.53 -7.45
C LEU B 64 -14.42 5.86 -8.76
N ARG B 65 -13.47 5.79 -9.68
CA ARG B 65 -13.74 5.18 -10.97
C ARG B 65 -12.78 4.05 -11.28
N PHE B 66 -13.34 2.89 -11.61
CA PHE B 66 -12.54 1.74 -11.98
C PHE B 66 -12.28 1.86 -13.46
N ASP B 67 -11.02 2.08 -13.81
CA ASP B 67 -10.60 2.24 -15.19
C ASP B 67 -10.42 0.83 -15.74
N ASP B 68 -11.54 0.17 -16.02
CA ASP B 68 -11.57 -1.22 -16.47
C ASP B 68 -11.71 -1.44 -17.97
N THR B 69 -10.73 -0.95 -18.72
CA THR B 69 -10.72 -1.03 -20.17
C THR B 69 -9.92 -2.21 -20.75
N ASN B 70 -9.38 -3.05 -19.89
CA ASN B 70 -8.59 -4.20 -20.35
C ASN B 70 -8.97 -5.45 -19.55
N PRO B 71 -10.00 -6.16 -20.03
CA PRO B 71 -10.52 -7.38 -19.39
C PRO B 71 -9.53 -8.46 -18.97
N VAL B 72 -8.59 -8.81 -19.84
CA VAL B 72 -7.65 -9.88 -19.50
C VAL B 72 -6.74 -9.62 -18.31
N LYS B 73 -6.54 -8.35 -17.96
CA LYS B 73 -5.66 -8.00 -16.85
C LYS B 73 -6.44 -7.71 -15.57
N GLU B 74 -7.76 -7.65 -15.68
CA GLU B 74 -8.57 -7.31 -14.52
C GLU B 74 -9.34 -8.47 -13.87
N ASP B 75 -9.75 -8.25 -12.62
CA ASP B 75 -10.48 -9.26 -11.87
C ASP B 75 -11.39 -8.59 -10.84
N ILE B 76 -12.53 -9.22 -10.56
CA ILE B 76 -13.48 -8.66 -9.61
C ILE B 76 -12.91 -8.58 -8.19
N GLU B 77 -11.94 -9.43 -7.88
CA GLU B 77 -11.33 -9.42 -6.57
C GLU B 77 -10.60 -8.10 -6.34
N TYR B 78 -10.02 -7.57 -7.40
CA TYR B 78 -9.29 -6.31 -7.29
C TYR B 78 -10.21 -5.13 -7.02
N VAL B 79 -11.32 -5.04 -7.75
CA VAL B 79 -12.21 -3.91 -7.51
C VAL B 79 -12.68 -4.03 -6.07
N GLU B 80 -13.02 -5.24 -5.66
CA GLU B 80 -13.48 -5.45 -4.28
C GLU B 80 -12.43 -4.92 -3.29
N SER B 81 -11.18 -5.36 -3.46
CA SER B 81 -10.11 -4.93 -2.56
C SER B 81 -9.82 -3.43 -2.63
N ILE B 82 -10.11 -2.80 -3.75
CA ILE B 82 -9.87 -1.38 -3.87
C ILE B 82 -10.91 -0.58 -3.09
N LYS B 83 -12.19 -0.91 -3.25
CA LYS B 83 -13.24 -0.21 -2.51
C LYS B 83 -12.88 -0.36 -1.04
N ASN B 84 -12.36 -1.52 -0.69
CA ASN B 84 -12.00 -1.75 0.70
C ASN B 84 -10.90 -0.81 1.19
N ASP B 85 -9.80 -0.73 0.44
CA ASP B 85 -8.71 0.14 0.82
C ASP B 85 -9.10 1.62 0.91
N VAL B 86 -9.85 2.11 -0.07
CA VAL B 86 -10.28 3.51 -0.06
C VAL B 86 -11.12 3.78 1.17
N GLU B 87 -11.99 2.83 1.50
CA GLU B 87 -12.85 2.98 2.66
C GLU B 87 -12.05 2.95 3.95
N TRP B 88 -11.09 2.04 4.03
CA TRP B 88 -10.26 1.90 5.22
C TRP B 88 -9.41 3.15 5.47
N LEU B 89 -8.96 3.79 4.40
CA LEU B 89 -8.15 4.99 4.57
C LEU B 89 -8.95 6.13 5.16
N GLY B 90 -10.28 6.07 5.05
CA GLY B 90 -11.14 7.09 5.64
C GLY B 90 -11.83 8.07 4.70
N PHE B 91 -11.96 7.69 3.44
CA PHE B 91 -12.57 8.58 2.45
C PHE B 91 -13.83 8.04 1.82
N HIS B 92 -14.70 8.97 1.45
CA HIS B 92 -15.96 8.61 0.80
C HIS B 92 -15.98 9.25 -0.58
N TRP B 93 -16.49 8.52 -1.56
CA TRP B 93 -16.53 9.04 -2.90
C TRP B 93 -17.89 9.65 -3.25
N SER B 94 -17.98 10.24 -4.43
CA SER B 94 -19.18 10.92 -4.91
C SER B 94 -20.16 9.96 -5.57
N GLY B 95 -21.37 9.91 -5.03
CA GLY B 95 -22.41 9.03 -5.56
C GLY B 95 -21.96 7.59 -5.64
N ASN B 96 -22.45 6.85 -6.64
CA ASN B 96 -22.08 5.46 -6.79
C ASN B 96 -20.66 5.31 -7.28
N VAL B 97 -20.15 4.09 -7.16
CA VAL B 97 -18.82 3.81 -7.67
C VAL B 97 -18.98 3.87 -9.20
N ARG B 98 -17.96 4.34 -9.91
CA ARG B 98 -18.03 4.42 -11.38
C ARG B 98 -17.07 3.44 -12.04
N TYR B 99 -17.42 3.01 -13.24
CA TYR B 99 -16.61 2.10 -14.04
C TYR B 99 -16.52 2.63 -15.47
N SER B 100 -15.32 2.66 -16.05
CA SER B 100 -15.16 3.12 -17.43
C SER B 100 -16.12 2.30 -18.28
N SER B 101 -16.33 1.04 -17.86
CA SER B 101 -17.21 0.13 -18.57
C SER B 101 -18.62 0.72 -18.66
N ASP B 102 -19.00 1.57 -17.69
CA ASP B 102 -20.32 2.19 -17.74
C ASP B 102 -20.42 3.11 -18.96
N TYR B 103 -19.28 3.41 -19.58
CA TYR B 103 -19.28 4.31 -20.73
C TYR B 103 -18.99 3.65 -22.07
N PHE B 104 -18.96 2.32 -22.10
CA PHE B 104 -18.67 1.62 -23.37
C PHE B 104 -19.56 2.05 -24.52
N ASP B 105 -20.84 2.26 -24.26
CA ASP B 105 -21.79 2.67 -25.30
C ASP B 105 -21.47 4.07 -25.78
N GLN B 106 -21.19 4.96 -24.84
CA GLN B 106 -20.83 6.35 -25.11
C GLN B 106 -19.53 6.37 -25.91
N LEU B 107 -18.54 5.63 -25.41
CA LEU B 107 -17.26 5.55 -26.08
C LEU B 107 -17.45 5.09 -27.52
N HIS B 108 -18.26 4.06 -27.70
CA HIS B 108 -18.53 3.54 -29.04
C HIS B 108 -19.15 4.62 -29.93
N ALA B 109 -20.05 5.41 -29.36
CA ALA B 109 -20.70 6.48 -30.10
C ALA B 109 -19.68 7.57 -30.46
N TYR B 110 -18.77 7.89 -29.53
CA TYR B 110 -17.78 8.91 -29.80
C TYR B 110 -16.78 8.43 -30.84
N ALA B 111 -16.54 7.12 -30.90
CA ALA B 111 -15.62 6.57 -31.89
C ALA B 111 -16.28 6.79 -33.26
N ILE B 112 -17.61 6.63 -33.30
CA ILE B 112 -18.35 6.81 -34.53
C ILE B 112 -18.34 8.28 -34.96
N GLU B 113 -18.36 9.20 -34.00
CA GLU B 113 -18.31 10.61 -34.37
C GLU B 113 -16.96 10.92 -35.04
N LEU B 114 -15.86 10.43 -34.45
CA LEU B 114 -14.53 10.65 -35.01
C LEU B 114 -14.39 10.09 -36.43
N ILE B 115 -14.88 8.87 -36.63
CA ILE B 115 -14.85 8.25 -37.94
C ILE B 115 -15.62 9.15 -38.92
N ASN B 116 -16.79 9.61 -38.51
CA ASN B 116 -17.62 10.47 -39.37
C ASN B 116 -16.87 11.73 -39.79
N LYS B 117 -16.02 12.25 -38.92
CA LYS B 117 -15.26 13.45 -39.24
C LYS B 117 -13.96 13.09 -39.94
N GLY B 118 -13.79 11.83 -40.32
CA GLY B 118 -12.58 11.39 -40.99
C GLY B 118 -11.37 11.39 -40.06
N LEU B 119 -11.62 11.54 -38.77
CA LEU B 119 -10.54 11.58 -37.79
C LEU B 119 -10.16 10.22 -37.19
N ALA B 120 -10.74 9.16 -37.70
CA ALA B 120 -10.45 7.81 -37.22
C ALA B 120 -10.72 6.81 -38.33
N TYR B 121 -9.98 5.70 -38.35
CA TYR B 121 -10.16 4.68 -39.41
C TYR B 121 -9.72 3.30 -38.90
N VAL B 122 -10.27 2.25 -39.49
CA VAL B 122 -9.93 0.87 -39.11
C VAL B 122 -8.63 0.50 -39.82
N ASP B 123 -7.59 0.21 -39.05
CA ASP B 123 -6.29 -0.16 -39.61
C ASP B 123 -6.14 -1.67 -39.58
N GLU B 124 -5.50 -2.22 -40.60
CA GLU B 124 -5.29 -3.67 -40.67
C GLU B 124 -3.83 -4.12 -40.64
N LEU B 125 -2.96 -3.23 -40.17
CA LEU B 125 -1.55 -3.54 -40.03
C LEU B 125 -1.49 -4.51 -38.86
N THR B 126 -0.63 -5.50 -38.93
CA THR B 126 -0.52 -6.46 -37.83
C THR B 126 0.05 -5.72 -36.62
N PRO B 127 -0.01 -6.34 -35.43
CA PRO B 127 0.52 -5.68 -34.24
C PRO B 127 2.03 -5.40 -34.36
N GLU B 128 2.71 -6.14 -35.21
CA GLU B 128 4.14 -5.93 -35.38
C GLU B 128 4.42 -4.81 -36.38
N GLN B 129 3.54 -4.69 -37.37
CA GLN B 129 3.70 -3.66 -38.40
C GLN B 129 3.41 -2.28 -37.87
N ILE B 130 2.44 -2.19 -36.96
CA ILE B 130 2.10 -0.88 -36.43
C ILE B 130 3.32 -0.28 -35.73
N ARG B 131 4.15 -1.15 -35.12
CA ARG B 131 5.36 -0.70 -34.46
C ARG B 131 6.38 -0.34 -35.54
N GLU B 132 6.42 -1.16 -36.58
CA GLU B 132 7.33 -0.91 -37.69
C GLU B 132 6.98 0.39 -38.41
N TYR B 133 5.70 0.76 -38.42
CA TYR B 133 5.27 2.00 -39.06
C TYR B 133 5.25 3.21 -38.13
N ARG B 134 5.50 2.97 -36.84
CA ARG B 134 5.42 4.05 -35.87
C ARG B 134 6.59 5.01 -35.83
N GLY B 135 7.72 4.61 -36.40
CA GLY B 135 8.90 5.46 -36.36
C GLY B 135 9.64 5.19 -35.06
N THR B 136 10.60 6.06 -34.71
CA THR B 136 11.37 5.89 -33.49
C THR B 136 11.36 7.19 -32.69
N LEU B 137 12.12 7.23 -31.60
CA LEU B 137 12.19 8.44 -30.80
C LEU B 137 12.91 9.53 -31.58
N THR B 138 13.56 9.16 -32.68
CA THR B 138 14.28 10.14 -33.49
C THR B 138 13.92 10.14 -34.99
N GLN B 139 13.05 9.22 -35.40
CA GLN B 139 12.64 9.15 -36.80
C GLN B 139 11.12 9.11 -36.87
N PRO B 140 10.51 9.93 -37.75
CA PRO B 140 9.06 9.94 -37.88
C PRO B 140 8.48 8.65 -38.43
N GLY B 141 7.23 8.37 -38.07
CA GLY B 141 6.57 7.17 -38.54
C GLY B 141 6.09 7.43 -39.95
N LYS B 142 5.31 6.50 -40.47
CA LYS B 142 4.79 6.62 -41.83
C LYS B 142 3.35 6.16 -41.87
N ASN B 143 2.56 6.82 -42.73
CA ASN B 143 1.16 6.51 -42.89
C ASN B 143 0.87 5.05 -43.28
N SER B 144 -0.16 4.49 -42.68
CA SER B 144 -0.59 3.13 -42.96
C SER B 144 -1.25 3.14 -44.34
N PRO B 145 -1.09 2.05 -45.11
CA PRO B 145 -1.70 1.97 -46.44
C PRO B 145 -3.22 1.97 -46.40
N TYR B 146 -3.77 1.85 -45.19
CA TYR B 146 -5.21 1.80 -45.01
C TYR B 146 -5.73 3.14 -44.46
N ARG B 147 -4.81 4.06 -44.16
CA ARG B 147 -5.16 5.34 -43.58
C ARG B 147 -6.20 6.20 -44.28
N ASP B 148 -6.37 6.04 -45.58
CA ASP B 148 -7.32 6.87 -46.28
C ASP B 148 -8.60 6.21 -46.73
N ARG B 149 -9.06 5.21 -45.98
CA ARG B 149 -10.32 4.57 -46.34
C ARG B 149 -11.42 5.61 -46.18
N SER B 150 -12.56 5.36 -46.82
CA SER B 150 -13.67 6.30 -46.74
C SER B 150 -14.44 6.14 -45.42
N VAL B 151 -15.20 7.17 -45.07
CA VAL B 151 -16.00 7.13 -43.85
C VAL B 151 -16.82 5.83 -43.82
N GLU B 152 -17.44 5.52 -44.95
CA GLU B 152 -18.27 4.32 -45.08
C GLU B 152 -17.53 3.01 -44.81
N GLU B 153 -16.32 2.84 -45.35
CA GLU B 153 -15.59 1.59 -45.11
C GLU B 153 -15.25 1.47 -43.63
N ASN B 154 -14.78 2.58 -43.06
CA ASN B 154 -14.45 2.60 -41.65
C ASN B 154 -15.68 2.22 -40.82
N LEU B 155 -16.79 2.89 -41.08
CA LEU B 155 -18.04 2.62 -40.38
C LEU B 155 -18.37 1.12 -40.50
N ALA B 156 -18.30 0.60 -41.72
CA ALA B 156 -18.58 -0.81 -41.98
C ALA B 156 -17.57 -1.72 -41.26
N LEU B 157 -16.28 -1.44 -41.45
CA LEU B 157 -15.21 -2.22 -40.84
C LEU B 157 -15.25 -2.19 -39.31
N PHE B 158 -15.63 -1.04 -38.75
CA PHE B 158 -15.70 -0.91 -37.29
C PHE B 158 -16.82 -1.81 -36.77
N GLU B 159 -17.96 -1.74 -37.45
CA GLU B 159 -19.11 -2.57 -37.08
C GLU B 159 -18.72 -4.03 -37.12
N LYS B 160 -17.94 -4.41 -38.12
CA LYS B 160 -17.51 -5.80 -38.22
C LYS B 160 -16.67 -6.15 -36.98
N MET B 161 -15.78 -5.24 -36.61
CA MET B 161 -14.96 -5.44 -35.42
C MET B 161 -15.85 -5.68 -34.21
N ARG B 162 -16.81 -4.78 -34.01
CA ARG B 162 -17.73 -4.91 -32.87
C ARG B 162 -18.48 -6.23 -32.93
N ALA B 163 -18.92 -6.60 -34.13
CA ALA B 163 -19.68 -7.82 -34.33
C ALA B 163 -18.85 -9.11 -34.26
N GLY B 164 -17.53 -8.98 -34.07
CA GLY B 164 -16.69 -10.16 -33.97
C GLY B 164 -16.21 -10.78 -35.28
N GLY B 165 -16.29 -10.03 -36.37
CA GLY B 165 -15.87 -10.54 -37.66
C GLY B 165 -14.37 -10.59 -37.91
N PHE B 166 -13.58 -10.07 -36.97
CA PHE B 166 -12.12 -10.05 -37.09
C PHE B 166 -11.48 -10.79 -35.94
N GLU B 167 -10.52 -11.67 -36.24
CA GLU B 167 -9.81 -12.40 -35.19
C GLU B 167 -8.95 -11.37 -34.46
N GLU B 168 -8.60 -11.65 -33.22
CA GLU B 168 -7.78 -10.72 -32.46
C GLU B 168 -6.53 -10.24 -33.21
N GLY B 169 -6.25 -8.94 -33.10
CA GLY B 169 -5.09 -8.38 -33.73
C GLY B 169 -5.17 -8.19 -35.23
N LYS B 170 -6.22 -8.68 -35.87
CA LYS B 170 -6.33 -8.52 -37.32
C LYS B 170 -6.83 -7.14 -37.74
N ALA B 171 -7.43 -6.40 -36.81
CA ALA B 171 -7.94 -5.07 -37.12
C ALA B 171 -8.06 -4.28 -35.83
N CYS B 172 -7.96 -2.97 -35.93
CA CYS B 172 -8.11 -2.11 -34.77
C CYS B 172 -8.50 -0.73 -35.25
N LEU B 173 -9.01 0.10 -34.33
CA LEU B 173 -9.41 1.46 -34.71
C LEU B 173 -8.32 2.40 -34.26
N ARG B 174 -7.90 3.27 -35.17
CA ARG B 174 -6.85 4.24 -34.88
C ARG B 174 -7.36 5.65 -35.13
N ALA B 175 -6.82 6.62 -34.39
CA ALA B 175 -7.20 8.00 -34.61
C ALA B 175 -6.29 8.49 -35.74
N LYS B 176 -6.82 9.38 -36.59
CA LYS B 176 -6.05 9.92 -37.71
C LYS B 176 -5.46 11.25 -37.27
N ILE B 177 -4.18 11.25 -36.91
CA ILE B 177 -3.55 12.48 -36.45
C ILE B 177 -2.28 12.81 -37.23
N ASP B 178 -1.12 12.57 -36.62
CA ASP B 178 0.15 12.88 -37.28
C ASP B 178 1.24 11.83 -37.10
N MET B 179 1.53 11.06 -38.14
CA MET B 179 2.57 10.04 -38.03
C MET B 179 3.96 10.60 -37.86
N ALA B 180 4.11 11.91 -37.99
CA ALA B 180 5.41 12.55 -37.84
C ALA B 180 5.46 13.57 -36.72
N SER B 181 4.75 13.30 -35.64
CA SER B 181 4.74 14.20 -34.52
C SER B 181 5.86 13.82 -33.57
N PRO B 182 6.49 14.79 -32.92
CA PRO B 182 7.56 14.46 -31.97
C PRO B 182 7.00 13.70 -30.76
N PHE B 183 5.69 13.84 -30.55
CA PHE B 183 4.99 13.14 -29.46
C PHE B 183 4.59 11.79 -30.04
N ILE B 184 5.25 10.72 -29.61
CA ILE B 184 4.92 9.42 -30.15
C ILE B 184 3.44 9.08 -29.94
N VAL B 185 2.84 9.68 -28.92
CA VAL B 185 1.44 9.42 -28.61
C VAL B 185 0.49 9.92 -29.71
N MET B 186 0.89 10.94 -30.47
CA MET B 186 0.02 11.46 -31.53
C MET B 186 0.17 10.70 -32.84
N ARG B 187 1.06 9.69 -32.86
CA ARG B 187 1.29 8.90 -34.08
C ARG B 187 0.16 7.92 -34.37
N ASP B 188 -1.03 8.45 -34.66
CA ASP B 188 -2.21 7.63 -34.96
C ASP B 188 -2.54 6.61 -33.85
N PRO B 189 -2.75 7.10 -32.63
CA PRO B 189 -3.05 6.22 -31.48
C PRO B 189 -4.26 5.29 -31.63
N VAL B 190 -4.07 4.06 -31.17
CA VAL B 190 -5.12 3.07 -31.22
C VAL B 190 -6.26 3.49 -30.28
N LEU B 191 -7.46 3.46 -30.82
CA LEU B 191 -8.67 3.82 -30.09
C LEU B 191 -9.34 2.54 -29.55
N TYR B 192 -9.44 1.52 -30.40
CA TYR B 192 -10.05 0.25 -30.05
C TYR B 192 -9.28 -0.95 -30.59
N ARG B 193 -9.25 -2.03 -29.81
CA ARG B 193 -8.64 -3.28 -30.22
C ARG B 193 -9.61 -4.43 -29.89
N ILE B 194 -9.41 -5.55 -30.57
CA ILE B 194 -10.26 -6.71 -30.39
C ILE B 194 -9.78 -7.65 -29.29
N LYS B 195 -10.70 -8.08 -28.44
CA LYS B 195 -10.38 -8.99 -27.37
C LYS B 195 -11.59 -9.85 -27.03
N PHE B 196 -11.51 -11.14 -27.34
CA PHE B 196 -12.60 -12.06 -27.05
C PHE B 196 -12.49 -12.57 -25.62
N ALA B 197 -12.45 -11.65 -24.67
CA ALA B 197 -12.33 -12.02 -23.27
C ALA B 197 -13.56 -11.55 -22.53
N GLU B 198 -13.93 -12.26 -21.47
CA GLU B 198 -15.08 -11.88 -20.68
C GLU B 198 -14.69 -10.74 -19.76
N HIS B 199 -15.57 -9.75 -19.63
CA HIS B 199 -15.30 -8.61 -18.78
C HIS B 199 -16.04 -8.75 -17.45
N HIS B 200 -15.33 -8.49 -16.36
CA HIS B 200 -15.92 -8.62 -15.02
C HIS B 200 -17.17 -7.76 -14.78
N GLN B 201 -17.41 -6.77 -15.64
CA GLN B 201 -18.61 -5.94 -15.49
C GLN B 201 -19.60 -6.17 -16.63
N THR B 202 -19.09 -6.23 -17.86
CA THR B 202 -19.94 -6.38 -19.03
C THR B 202 -20.08 -7.78 -19.61
N GLY B 203 -19.55 -8.77 -18.92
CA GLY B 203 -19.64 -10.13 -19.41
C GLY B 203 -19.06 -10.30 -20.80
N ASN B 204 -19.85 -10.90 -21.69
CA ASN B 204 -19.40 -11.12 -23.06
C ASN B 204 -20.15 -10.26 -24.05
N LYS B 205 -20.59 -9.08 -23.62
CA LYS B 205 -21.33 -8.19 -24.50
C LYS B 205 -20.40 -7.48 -25.50
N TRP B 206 -19.13 -7.34 -25.14
CA TRP B 206 -18.17 -6.68 -26.01
C TRP B 206 -16.98 -7.55 -26.37
N CYS B 207 -16.48 -7.37 -27.59
CA CYS B 207 -15.31 -8.10 -28.03
C CYS B 207 -14.31 -7.06 -28.55
N ILE B 208 -14.63 -5.80 -28.30
CA ILE B 208 -13.74 -4.68 -28.63
C ILE B 208 -13.71 -3.76 -27.39
N TYR B 209 -12.51 -3.38 -26.97
CA TYR B 209 -12.38 -2.54 -25.81
C TYR B 209 -11.62 -1.26 -26.12
N PRO B 210 -12.09 -0.15 -25.55
CA PRO B 210 -11.43 1.14 -25.79
C PRO B 210 -10.12 1.22 -25.04
N MET B 211 -9.16 1.92 -25.61
CA MET B 211 -7.85 2.08 -24.97
C MET B 211 -7.88 3.16 -23.88
N TYR B 212 -6.85 3.15 -23.03
CA TYR B 212 -6.74 4.09 -21.92
C TYR B 212 -6.95 5.55 -22.32
N ASP B 213 -6.09 6.03 -23.20
CA ASP B 213 -6.15 7.43 -23.64
C ASP B 213 -7.50 7.89 -24.14
N PHE B 214 -8.19 7.04 -24.89
CA PHE B 214 -9.50 7.40 -25.42
C PHE B 214 -10.52 7.41 -24.30
N THR B 215 -10.47 6.38 -23.47
CA THR B 215 -11.42 6.24 -22.37
C THR B 215 -11.34 7.30 -21.28
N HIS B 216 -10.12 7.61 -20.85
CA HIS B 216 -9.95 8.53 -19.74
C HIS B 216 -10.42 9.98 -19.95
N CYS B 217 -10.03 10.61 -21.07
CA CYS B 217 -10.46 12.00 -21.25
C CYS B 217 -11.98 12.08 -21.31
N ILE B 218 -12.61 11.11 -21.97
CA ILE B 218 -14.07 11.13 -22.06
C ILE B 218 -14.75 10.79 -20.72
N SER B 219 -14.19 9.86 -19.95
CA SER B 219 -14.77 9.52 -18.65
C SER B 219 -14.72 10.71 -17.71
N ASP B 220 -13.56 11.40 -17.69
CA ASP B 220 -13.38 12.59 -16.87
C ASP B 220 -14.39 13.66 -17.24
N ALA B 221 -14.51 13.91 -18.55
CA ALA B 221 -15.42 14.93 -19.06
C ALA B 221 -16.89 14.64 -18.76
N LEU B 222 -17.35 13.42 -19.04
CA LEU B 222 -18.73 13.09 -18.76
C LEU B 222 -19.02 13.13 -17.27
N GLU B 223 -17.99 12.92 -16.46
CA GLU B 223 -18.17 12.95 -15.02
C GLU B 223 -18.09 14.35 -14.42
N GLY B 224 -17.81 15.34 -15.25
CA GLY B 224 -17.73 16.70 -14.77
C GLY B 224 -16.46 17.02 -13.99
N ILE B 225 -15.44 16.17 -14.17
CA ILE B 225 -14.16 16.34 -13.49
C ILE B 225 -13.59 17.72 -13.84
N THR B 226 -13.09 18.46 -12.85
CA THR B 226 -12.52 19.79 -13.11
C THR B 226 -10.98 19.76 -13.13
N HIS B 227 -10.38 18.88 -12.33
CA HIS B 227 -8.93 18.77 -12.26
C HIS B 227 -8.50 17.30 -12.25
N SER B 228 -8.09 16.80 -13.41
CA SER B 228 -7.66 15.41 -13.52
C SER B 228 -6.20 15.38 -13.03
N LEU B 229 -6.00 14.72 -11.90
CA LEU B 229 -4.69 14.61 -11.27
C LEU B 229 -4.04 13.23 -11.39
N ARG B 230 -2.93 13.14 -12.11
CA ARG B 230 -2.22 11.88 -12.29
C ARG B 230 -0.70 12.07 -12.21
N THR B 231 0.03 10.98 -12.47
CA THR B 231 1.47 11.03 -12.39
C THR B 231 2.25 11.39 -13.65
N LEU B 232 3.47 11.86 -13.43
CA LEU B 232 4.40 12.30 -14.46
C LEU B 232 4.52 11.50 -15.76
N GLU B 233 4.41 10.17 -15.72
CA GLU B 233 4.53 9.36 -16.93
C GLU B 233 3.41 9.66 -17.92
N PHE B 234 2.37 10.35 -17.47
CA PHE B 234 1.23 10.67 -18.34
C PHE B 234 1.31 12.06 -18.97
N GLN B 235 2.35 12.83 -18.64
CA GLN B 235 2.49 14.19 -19.20
C GLN B 235 2.33 14.21 -20.72
N ASP B 236 3.03 13.30 -21.40
CA ASP B 236 2.95 13.20 -22.86
C ASP B 236 1.51 12.94 -23.30
N ASN B 237 0.79 12.15 -22.52
CA ASN B 237 -0.61 11.81 -22.83
C ASN B 237 -1.52 13.02 -22.93
N ARG B 238 -1.21 14.08 -22.18
CA ARG B 238 -2.04 15.28 -22.20
C ARG B 238 -2.40 15.74 -23.60
N ARG B 239 -1.46 15.71 -24.53
CA ARG B 239 -1.73 16.15 -25.90
C ARG B 239 -2.82 15.36 -26.58
N LEU B 240 -2.85 14.06 -26.36
CA LEU B 240 -3.86 13.21 -26.98
C LEU B 240 -5.19 13.41 -26.27
N TYR B 241 -5.11 13.60 -24.95
CA TYR B 241 -6.27 13.84 -24.10
C TYR B 241 -7.03 15.04 -24.66
N ASP B 242 -6.34 16.17 -24.82
CA ASP B 242 -6.97 17.38 -25.33
C ASP B 242 -7.44 17.21 -26.76
N TRP B 243 -6.67 16.46 -27.55
CA TRP B 243 -7.04 16.26 -28.94
C TRP B 243 -8.42 15.63 -29.06
N VAL B 244 -8.61 14.54 -28.33
CA VAL B 244 -9.88 13.83 -28.37
C VAL B 244 -11.06 14.74 -28.00
N LEU B 245 -11.03 15.27 -26.78
CA LEU B 245 -12.11 16.12 -26.34
C LEU B 245 -12.34 17.26 -27.32
N ASP B 246 -11.26 17.78 -27.91
CA ASP B 246 -11.40 18.88 -28.87
C ASP B 246 -12.12 18.49 -30.14
N ASN B 247 -12.07 17.21 -30.49
CA ASN B 247 -12.70 16.77 -31.71
C ASN B 247 -14.01 16.01 -31.62
N ILE B 248 -14.60 15.93 -30.43
CA ILE B 248 -15.89 15.27 -30.30
C ILE B 248 -16.84 16.31 -29.71
N THR B 249 -18.13 16.02 -29.72
CA THR B 249 -19.11 16.93 -29.18
C THR B 249 -19.31 16.61 -27.71
N ILE B 250 -18.65 17.39 -26.87
CA ILE B 250 -18.73 17.19 -25.45
C ILE B 250 -18.55 18.60 -24.87
N PRO B 251 -19.40 18.98 -23.90
CA PRO B 251 -19.38 20.30 -23.26
C PRO B 251 -18.30 20.71 -22.25
N VAL B 252 -17.55 19.79 -21.68
CA VAL B 252 -16.55 20.24 -20.73
C VAL B 252 -15.18 19.75 -21.08
N HIS B 253 -14.16 20.52 -20.72
CA HIS B 253 -12.79 20.13 -21.00
C HIS B 253 -11.93 20.20 -19.73
N PRO B 254 -11.91 19.12 -18.95
CA PRO B 254 -11.12 19.06 -17.70
C PRO B 254 -9.63 19.36 -17.92
N ARG B 255 -9.00 20.06 -16.97
CA ARG B 255 -7.57 20.34 -17.08
C ARG B 255 -6.79 19.28 -16.31
N GLN B 256 -5.62 18.92 -16.83
CA GLN B 256 -4.80 17.89 -16.20
C GLN B 256 -3.56 18.46 -15.52
N TYR B 257 -3.08 17.76 -14.50
CA TYR B 257 -1.92 18.17 -13.75
C TYR B 257 -1.21 16.90 -13.29
N GLU B 258 0.11 16.88 -13.44
CA GLU B 258 0.90 15.71 -13.06
C GLU B 258 1.82 15.97 -11.88
N PHE B 259 1.86 15.04 -10.93
CA PHE B 259 2.77 15.17 -9.80
C PHE B 259 3.68 13.95 -9.88
N SER B 260 4.80 13.98 -9.18
CA SER B 260 5.73 12.85 -9.21
C SER B 260 5.21 11.66 -8.45
N ARG B 261 5.53 10.45 -8.90
CA ARG B 261 5.07 9.28 -8.18
C ARG B 261 5.99 8.93 -7.04
N LEU B 262 5.42 8.31 -6.01
CA LEU B 262 6.12 7.91 -4.81
C LEU B 262 7.02 6.69 -4.99
N ASN B 263 8.16 6.71 -4.33
CA ASN B 263 9.10 5.60 -4.35
C ASN B 263 9.56 5.44 -2.91
N LEU B 264 9.63 4.21 -2.45
CA LEU B 264 10.04 3.91 -1.10
C LEU B 264 11.29 3.03 -1.14
N GLU B 265 12.29 3.34 -0.31
CA GLU B 265 13.51 2.54 -0.29
C GLU B 265 13.24 1.12 0.22
N TYR B 266 14.00 0.17 -0.32
CA TYR B 266 13.90 -1.24 0.08
C TYR B 266 12.63 -1.97 -0.33
N THR B 267 11.97 -1.46 -1.35
CA THR B 267 10.78 -2.14 -1.83
C THR B 267 10.48 -1.64 -3.23
N VAL B 268 9.56 -2.33 -3.89
CA VAL B 268 9.16 -1.97 -5.25
C VAL B 268 7.80 -1.29 -5.17
N MET B 269 7.45 -0.52 -6.19
CA MET B 269 6.18 0.19 -6.16
C MET B 269 5.37 0.14 -7.45
N SER B 270 5.26 -1.04 -8.05
CA SER B 270 4.48 -1.21 -9.29
C SER B 270 3.65 -2.47 -9.14
N LYS B 271 2.40 -2.43 -9.58
CA LYS B 271 1.54 -3.61 -9.45
C LYS B 271 2.15 -4.80 -10.15
N ARG B 272 2.86 -4.53 -11.24
CA ARG B 272 3.49 -5.59 -12.02
C ARG B 272 4.53 -6.37 -11.20
N LYS B 273 5.39 -5.67 -10.48
CA LYS B 273 6.41 -6.35 -9.69
C LYS B 273 5.87 -6.94 -8.41
N LEU B 274 4.90 -6.28 -7.81
CA LEU B 274 4.28 -6.75 -6.58
C LEU B 274 3.56 -8.04 -6.90
N ASN B 275 2.85 -8.05 -8.02
CA ASN B 275 2.10 -9.22 -8.46
C ASN B 275 3.07 -10.39 -8.65
N LEU B 276 4.25 -10.11 -9.18
CA LEU B 276 5.19 -11.20 -9.38
C LEU B 276 5.51 -11.86 -8.03
N LEU B 277 5.68 -11.05 -6.99
CA LEU B 277 5.97 -11.56 -5.66
C LEU B 277 4.82 -12.43 -5.14
N VAL B 278 3.61 -12.15 -5.59
CA VAL B 278 2.45 -12.92 -5.15
C VAL B 278 2.34 -14.24 -5.92
N THR B 279 2.49 -14.17 -7.24
CA THR B 279 2.38 -15.34 -8.11
C THR B 279 3.46 -16.39 -7.89
N ASP B 280 4.68 -15.95 -7.61
CA ASP B 280 5.79 -16.87 -7.38
C ASP B 280 5.84 -17.25 -5.90
N LYS B 281 4.77 -16.94 -5.19
CA LYS B 281 4.66 -17.27 -3.76
C LYS B 281 5.87 -16.94 -2.89
N HIS B 282 6.39 -15.72 -3.00
CA HIS B 282 7.52 -15.33 -2.18
C HIS B 282 7.04 -14.49 -0.99
N VAL B 283 5.75 -14.19 -1.00
CA VAL B 283 5.07 -13.47 0.08
C VAL B 283 3.74 -14.23 0.13
N GLU B 284 3.06 -14.21 1.27
CA GLU B 284 1.80 -14.93 1.40
C GLU B 284 0.72 -14.47 0.43
N GLY B 285 0.67 -13.17 0.20
CA GLY B 285 -0.31 -12.62 -0.72
C GLY B 285 -0.14 -11.11 -0.80
N TRP B 286 -0.99 -10.45 -1.58
CA TRP B 286 -0.88 -9.00 -1.69
C TRP B 286 -0.85 -8.33 -0.32
N ASP B 287 -1.58 -8.89 0.63
CA ASP B 287 -1.64 -8.30 1.96
C ASP B 287 -0.61 -8.83 2.96
N ASP B 288 0.44 -9.44 2.45
CA ASP B 288 1.52 -9.91 3.31
C ASP B 288 2.04 -8.67 4.04
N PRO B 289 2.26 -8.78 5.35
CA PRO B 289 2.75 -7.65 6.15
C PRO B 289 4.06 -6.99 5.68
N ARG B 290 4.82 -7.66 4.82
CA ARG B 290 6.06 -7.11 4.31
C ARG B 290 5.83 -6.28 3.04
N MET B 291 4.64 -6.42 2.46
CA MET B 291 4.29 -5.72 1.23
C MET B 291 3.94 -4.26 1.41
N PRO B 292 4.33 -3.40 0.44
CA PRO B 292 4.05 -1.96 0.50
C PRO B 292 2.59 -1.67 0.06
N THR B 293 1.78 -2.72 -0.06
CA THR B 293 0.39 -2.54 -0.43
C THR B 293 -0.33 -1.88 0.75
N ILE B 294 -1.48 -1.29 0.47
CA ILE B 294 -2.24 -0.65 1.52
C ILE B 294 -2.78 -1.71 2.47
N SER B 295 -3.26 -2.82 1.93
CA SER B 295 -3.81 -3.88 2.77
C SER B 295 -2.70 -4.57 3.57
N GLY B 296 -1.51 -4.65 2.96
CA GLY B 296 -0.38 -5.27 3.64
C GLY B 296 0.04 -4.44 4.84
N LEU B 297 0.09 -3.13 4.65
CA LEU B 297 0.44 -2.24 5.75
C LEU B 297 -0.63 -2.35 6.85
N ARG B 298 -1.90 -2.43 6.44
CA ARG B 298 -2.98 -2.55 7.42
C ARG B 298 -2.79 -3.80 8.29
N ARG B 299 -2.42 -4.90 7.64
CA ARG B 299 -2.22 -6.16 8.35
C ARG B 299 -0.93 -6.08 9.15
N ARG B 300 0.00 -5.24 8.69
CA ARG B 300 1.27 -5.04 9.36
C ARG B 300 1.04 -4.27 10.66
N GLY B 301 -0.09 -3.58 10.74
CA GLY B 301 -0.39 -2.82 11.95
C GLY B 301 -0.39 -1.32 11.79
N TYR B 302 -0.12 -0.82 10.58
CA TYR B 302 -0.15 0.63 10.35
C TYR B 302 -1.60 1.10 10.47
N THR B 303 -1.77 2.33 10.94
CA THR B 303 -3.09 2.93 11.09
C THR B 303 -3.38 3.77 9.84
N ALA B 304 -4.66 3.91 9.50
CA ALA B 304 -5.03 4.70 8.33
C ALA B 304 -4.61 6.15 8.54
N ALA B 305 -4.55 6.57 9.80
CA ALA B 305 -4.16 7.93 10.10
C ALA B 305 -2.65 8.12 9.96
N SER B 306 -1.89 7.04 10.11
CA SER B 306 -0.44 7.16 9.98
C SER B 306 -0.08 7.28 8.51
N ILE B 307 -0.88 6.64 7.66
CA ILE B 307 -0.64 6.70 6.22
C ILE B 307 -1.04 8.08 5.71
N ARG B 308 -2.17 8.60 6.19
CA ARG B 308 -2.60 9.93 5.76
C ARG B 308 -1.56 10.95 6.20
N GLU B 309 -0.97 10.74 7.37
CA GLU B 309 0.08 11.62 7.89
C GLU B 309 1.28 11.61 6.95
N PHE B 310 1.75 10.40 6.63
CA PHE B 310 2.90 10.20 5.74
C PHE B 310 2.69 10.93 4.43
N CYS B 311 1.55 10.68 3.80
CA CYS B 311 1.24 11.32 2.54
C CYS B 311 1.27 12.84 2.69
N LYS B 312 0.80 13.33 3.83
CA LYS B 312 0.81 14.75 4.08
C LYS B 312 2.25 15.23 4.18
N ARG B 313 3.11 14.48 4.87
CA ARG B 313 4.51 14.87 5.03
C ARG B 313 5.39 14.87 3.77
N ILE B 314 5.28 13.85 2.94
CA ILE B 314 6.11 13.75 1.73
C ILE B 314 5.83 14.82 0.70
N GLY B 315 4.64 15.42 0.75
CA GLY B 315 4.29 16.46 -0.18
C GLY B 315 3.94 16.02 -1.59
N VAL B 316 3.46 16.98 -2.39
CA VAL B 316 3.10 16.71 -3.77
C VAL B 316 3.86 17.69 -4.66
N THR B 317 4.80 17.15 -5.44
CA THR B 317 5.62 17.98 -6.32
C THR B 317 5.83 17.32 -7.67
N LYS B 318 6.76 17.89 -8.44
CA LYS B 318 7.10 17.37 -9.76
C LYS B 318 8.51 16.82 -9.76
N GLN B 319 9.02 16.51 -8.58
CA GLN B 319 10.38 16.00 -8.49
C GLN B 319 10.46 14.51 -8.20
N ASP B 320 11.29 13.80 -8.94
CA ASP B 320 11.44 12.37 -8.71
C ASP B 320 11.99 12.21 -7.30
N ASN B 321 11.57 11.14 -6.62
CA ASN B 321 12.02 10.96 -5.25
C ASN B 321 11.89 9.53 -4.76
N THR B 322 12.61 9.24 -3.69
CA THR B 322 12.55 7.94 -3.05
C THR B 322 12.65 8.25 -1.56
N ILE B 323 11.53 8.07 -0.85
CA ILE B 323 11.48 8.33 0.58
C ILE B 323 12.21 7.20 1.34
N GLU B 324 12.64 7.50 2.55
CA GLU B 324 13.34 6.52 3.38
C GLU B 324 12.35 5.80 4.28
N MET B 325 12.61 4.54 4.56
CA MET B 325 11.74 3.76 5.45
C MET B 325 11.57 4.49 6.78
N ALA B 326 12.63 5.14 7.24
CA ALA B 326 12.61 5.87 8.50
C ALA B 326 11.45 6.86 8.59
N SER B 327 11.15 7.52 7.48
CA SER B 327 10.07 8.50 7.44
C SER B 327 8.70 7.87 7.69
N LEU B 328 8.44 6.77 6.99
CA LEU B 328 7.17 6.06 7.13
C LEU B 328 7.06 5.57 8.57
N GLU B 329 8.16 5.03 9.08
CA GLU B 329 8.21 4.50 10.44
C GLU B 329 7.93 5.58 11.49
N SER B 330 8.52 6.76 11.30
CA SER B 330 8.30 7.84 12.23
C SER B 330 6.80 8.13 12.31
N CYS B 331 6.12 8.04 11.16
CA CYS B 331 4.69 8.32 11.16
C CYS B 331 3.92 7.33 12.02
N ILE B 332 4.26 6.05 11.90
CA ILE B 332 3.56 5.04 12.69
C ILE B 332 3.95 5.11 14.17
N ARG B 333 5.21 5.44 14.48
CA ARG B 333 5.65 5.54 15.87
C ARG B 333 4.96 6.71 16.59
N GLU B 334 4.77 7.81 15.87
CA GLU B 334 4.12 8.98 16.43
C GLU B 334 2.70 8.62 16.87
N ASP B 335 1.97 7.91 16.02
CA ASP B 335 0.61 7.54 16.33
C ASP B 335 0.54 6.55 17.48
N LEU B 336 1.15 5.39 17.30
CA LEU B 336 1.13 4.36 18.34
C LEU B 336 1.72 4.78 19.67
N ASN B 337 2.83 5.50 19.65
CA ASN B 337 3.46 5.97 20.89
C ASN B 337 2.45 6.71 21.74
N GLU B 338 1.54 7.41 21.07
CA GLU B 338 0.52 8.19 21.73
C GLU B 338 -0.71 7.38 22.15
N ASN B 339 -1.20 6.53 21.26
CA ASN B 339 -2.42 5.78 21.53
C ASN B 339 -2.35 4.33 21.93
N ALA B 340 -1.24 3.66 21.64
CA ALA B 340 -1.14 2.24 21.96
C ALA B 340 -0.92 1.92 23.41
N PRO B 341 -1.77 1.08 23.99
CA PRO B 341 -1.59 0.72 25.39
C PRO B 341 -0.34 -0.16 25.49
N ARG B 342 0.33 -0.10 26.65
CA ARG B 342 1.55 -0.89 26.86
C ARG B 342 1.27 -2.26 27.48
N ALA B 343 2.08 -3.24 27.11
CA ALA B 343 1.93 -4.60 27.62
C ALA B 343 3.30 -5.28 27.72
N MET B 344 3.38 -6.37 28.49
CA MET B 344 4.64 -7.09 28.66
C MET B 344 4.68 -8.34 27.80
N ALA B 345 5.81 -8.54 27.13
CA ALA B 345 6.00 -9.70 26.28
C ALA B 345 7.48 -10.00 26.14
N VAL B 346 7.80 -11.29 26.18
CA VAL B 346 9.16 -11.76 26.07
C VAL B 346 9.26 -12.57 24.78
N ILE B 347 10.11 -12.09 23.87
CA ILE B 347 10.30 -12.76 22.58
C ILE B 347 11.29 -13.90 22.62
N ASP B 348 12.44 -13.68 23.25
CA ASP B 348 13.48 -14.71 23.35
C ASP B 348 13.63 -15.04 24.84
N PRO B 349 12.66 -15.77 25.40
CA PRO B 349 12.60 -16.19 26.80
C PRO B 349 13.61 -17.17 27.39
N VAL B 350 13.96 -16.90 28.65
CA VAL B 350 14.86 -17.73 29.44
C VAL B 350 14.28 -17.76 30.87
N LYS B 351 14.11 -18.96 31.43
CA LYS B 351 13.56 -19.09 32.78
C LYS B 351 14.39 -18.38 33.85
N LEU B 352 13.72 -17.64 34.72
CA LEU B 352 14.41 -16.93 35.80
C LEU B 352 13.64 -17.15 37.10
N VAL B 353 14.21 -17.91 38.02
CA VAL B 353 13.54 -18.19 39.28
C VAL B 353 14.04 -17.34 40.45
N ILE B 354 13.10 -16.88 41.26
CA ILE B 354 13.42 -16.07 42.42
C ILE B 354 13.30 -16.97 43.65
N GLU B 355 14.39 -17.64 44.00
CA GLU B 355 14.42 -18.54 45.15
C GLU B 355 13.89 -17.83 46.40
N ASN B 356 14.02 -16.52 46.37
CA ASN B 356 13.61 -15.64 47.46
C ASN B 356 12.07 -15.50 47.59
N TYR B 357 11.34 -15.77 46.51
CA TYR B 357 9.88 -15.62 46.52
C TYR B 357 9.09 -16.76 47.14
N GLN B 358 8.16 -16.40 48.02
CA GLN B 358 7.33 -17.36 48.73
C GLN B 358 5.87 -17.30 48.30
N GLY B 359 5.30 -18.45 47.93
CA GLY B 359 3.91 -18.47 47.53
C GLY B 359 3.66 -18.77 46.07
N GLU B 360 2.39 -18.76 45.68
CA GLU B 360 1.99 -19.05 44.31
C GLU B 360 2.00 -17.80 43.44
N GLY B 361 2.10 -16.64 44.07
CA GLY B 361 2.13 -15.40 43.32
C GLY B 361 1.31 -14.29 43.93
N GLU B 362 1.35 -13.12 43.30
CA GLU B 362 0.59 -11.96 43.75
C GLU B 362 0.19 -11.13 42.53
N MET B 363 -0.29 -9.92 42.75
CA MET B 363 -0.70 -9.08 41.64
C MET B 363 -0.04 -7.70 41.75
N VAL B 364 0.50 -7.21 40.64
CA VAL B 364 1.13 -5.90 40.63
C VAL B 364 0.44 -5.00 39.60
N THR B 365 0.28 -3.72 39.94
CA THR B 365 -0.37 -2.80 39.04
C THR B 365 0.60 -2.24 38.01
N MET B 366 0.11 -2.06 36.79
CA MET B 366 0.92 -1.51 35.72
C MET B 366 0.14 -0.49 34.93
N PRO B 367 0.78 0.63 34.57
CA PRO B 367 0.09 1.68 33.80
C PRO B 367 -0.25 1.17 32.40
N ASN B 368 -1.44 1.49 31.92
CA ASN B 368 -1.83 1.08 30.58
C ASN B 368 -1.04 1.97 29.62
N HIS B 369 -0.54 3.08 30.17
CA HIS B 369 0.28 4.02 29.43
C HIS B 369 1.10 4.85 30.43
N PRO B 370 2.40 4.58 30.52
CA PRO B 370 3.33 5.28 31.42
C PRO B 370 3.17 6.80 31.46
N ASN B 371 3.06 7.45 30.30
CA ASN B 371 2.93 8.89 30.26
C ASN B 371 1.49 9.39 30.15
N LYS B 372 0.53 8.51 30.43
CA LYS B 372 -0.88 8.90 30.33
C LYS B 372 -1.78 8.08 31.26
N PRO B 373 -1.89 8.51 32.52
CA PRO B 373 -2.72 7.80 33.50
C PRO B 373 -4.20 7.71 33.09
N GLU B 374 -4.67 8.70 32.34
CA GLU B 374 -6.08 8.70 31.91
C GLU B 374 -6.41 7.46 31.10
N MET B 375 -5.39 6.79 30.56
CA MET B 375 -5.63 5.58 29.80
C MET B 375 -5.79 4.40 30.74
N GLY B 376 -5.90 4.71 32.04
CA GLY B 376 -6.10 3.70 33.05
C GLY B 376 -4.94 2.81 33.38
N SER B 377 -5.22 1.81 34.23
CA SER B 377 -4.23 0.83 34.66
C SER B 377 -4.83 -0.58 34.65
N ARG B 378 -4.01 -1.57 34.96
CA ARG B 378 -4.47 -2.96 34.96
C ARG B 378 -3.68 -3.79 35.97
N GLN B 379 -4.27 -4.91 36.36
CA GLN B 379 -3.65 -5.81 37.33
C GLN B 379 -2.89 -6.90 36.60
N VAL B 380 -1.60 -7.03 36.89
CA VAL B 380 -0.77 -8.04 36.24
C VAL B 380 -0.14 -9.00 37.25
N PRO B 381 -0.24 -10.31 36.99
CA PRO B 381 0.30 -11.34 37.87
C PRO B 381 1.82 -11.44 37.94
N PHE B 382 2.33 -11.47 39.17
CA PHE B 382 3.75 -11.59 39.44
C PHE B 382 3.97 -12.83 40.31
N SER B 383 5.07 -13.54 40.09
CA SER B 383 5.38 -14.73 40.87
C SER B 383 6.88 -15.00 40.98
N GLY B 384 7.25 -16.19 41.46
CA GLY B 384 8.64 -16.55 41.63
C GLY B 384 9.32 -17.12 40.39
N GLU B 385 8.54 -17.60 39.43
CA GLU B 385 9.10 -18.14 38.18
C GLU B 385 8.64 -17.22 37.04
N ILE B 386 9.58 -16.50 36.43
CA ILE B 386 9.23 -15.60 35.35
C ILE B 386 10.11 -15.80 34.13
N TRP B 387 9.76 -15.12 33.05
CA TRP B 387 10.54 -15.18 31.83
C TRP B 387 11.08 -13.78 31.58
N ILE B 388 12.32 -13.71 31.11
CA ILE B 388 12.91 -12.43 30.74
C ILE B 388 13.60 -12.73 29.41
N ASP B 389 13.97 -11.70 28.67
CA ASP B 389 14.63 -11.92 27.39
C ASP B 389 16.10 -12.31 27.58
N ARG B 390 16.54 -13.33 26.85
CA ARG B 390 17.91 -13.81 26.94
C ARG B 390 18.95 -12.71 26.74
N ALA B 391 18.52 -11.59 26.17
CA ALA B 391 19.44 -10.49 25.92
C ALA B 391 19.50 -9.49 27.07
N ASP B 392 18.68 -9.68 28.11
CA ASP B 392 18.69 -8.75 29.23
C ASP B 392 19.51 -9.28 30.42
N PHE B 393 20.22 -10.38 30.20
CA PHE B 393 21.07 -10.95 31.24
C PHE B 393 22.46 -11.27 30.73
N ARG B 394 23.45 -10.66 31.37
CA ARG B 394 24.84 -10.86 31.01
C ARG B 394 25.63 -11.31 32.24
N GLU B 395 26.44 -12.36 32.10
CA GLU B 395 27.23 -12.83 33.22
C GLU B 395 28.31 -11.77 33.52
N GLU B 396 28.73 -11.05 32.48
CA GLU B 396 29.75 -10.01 32.58
C GLU B 396 29.37 -8.68 31.92
N ALA B 397 29.71 -8.52 30.64
CA ALA B 397 29.40 -7.30 29.88
C ALA B 397 30.06 -6.04 30.44
N ASN B 398 30.22 -5.05 29.57
CA ASN B 398 30.87 -3.78 29.90
C ASN B 398 30.15 -2.92 30.94
N LYS B 399 30.45 -1.62 30.91
CA LYS B 399 29.89 -0.65 31.84
C LYS B 399 28.59 -0.04 31.31
N GLN B 400 28.42 -0.10 29.99
CA GLN B 400 27.22 0.43 29.34
C GLN B 400 25.99 -0.40 29.66
N TYR B 401 26.15 -1.72 29.57
CA TYR B 401 25.07 -2.66 29.84
C TYR B 401 24.33 -2.29 31.10
N LYS B 402 23.07 -1.89 30.97
CA LYS B 402 22.27 -1.49 32.13
C LYS B 402 21.23 -2.52 32.55
N ARG B 403 21.38 -3.74 32.06
CA ARG B 403 20.44 -4.81 32.36
C ARG B 403 21.01 -5.82 33.38
N LEU B 404 20.33 -6.96 33.54
CA LEU B 404 20.76 -7.95 34.53
C LEU B 404 22.13 -8.55 34.30
N VAL B 405 22.98 -8.42 35.32
CA VAL B 405 24.34 -8.93 35.29
C VAL B 405 24.63 -9.76 36.54
N LEU B 406 25.18 -10.95 36.33
CA LEU B 406 25.51 -11.86 37.43
C LEU B 406 26.15 -11.11 38.59
N GLY B 407 25.50 -11.15 39.75
CA GLY B 407 26.02 -10.47 40.92
C GLY B 407 25.39 -9.10 41.12
N LYS B 408 25.08 -8.42 40.04
CA LYS B 408 24.46 -7.10 40.09
C LYS B 408 22.93 -7.26 40.06
N GLU B 409 22.21 -6.15 40.10
CA GLU B 409 20.74 -6.22 40.07
C GLU B 409 20.07 -5.31 39.05
N VAL B 410 18.78 -5.55 38.80
CA VAL B 410 17.99 -4.74 37.88
C VAL B 410 16.55 -4.67 38.35
N ARG B 411 15.85 -3.63 37.93
CA ARG B 411 14.47 -3.42 38.30
C ARG B 411 13.56 -4.17 37.33
N LEU B 412 12.60 -4.92 37.86
CA LEU B 412 11.64 -5.62 37.01
C LEU B 412 10.51 -4.63 36.79
N ARG B 413 10.29 -4.28 35.53
CA ARG B 413 9.27 -3.32 35.15
C ARG B 413 8.01 -3.35 36.00
N ASN B 414 7.77 -2.25 36.72
CA ASN B 414 6.59 -2.09 37.59
C ASN B 414 6.53 -3.11 38.72
N ALA B 415 7.69 -3.65 39.09
CA ALA B 415 7.74 -4.64 40.15
C ALA B 415 8.92 -4.48 41.10
N TYR B 416 9.48 -5.61 41.52
CA TYR B 416 10.60 -5.66 42.47
C TYR B 416 11.98 -5.63 41.84
N VAL B 417 12.98 -5.36 42.68
CA VAL B 417 14.38 -5.31 42.26
C VAL B 417 14.95 -6.67 42.57
N ILE B 418 15.57 -7.29 41.57
CA ILE B 418 16.14 -8.62 41.76
C ILE B 418 17.65 -8.62 41.56
N LYS B 419 18.33 -9.57 42.21
CA LYS B 419 19.77 -9.70 42.08
C LYS B 419 20.13 -11.06 41.51
N ALA B 420 20.80 -11.08 40.36
CA ALA B 420 21.21 -12.34 39.76
C ALA B 420 22.21 -12.93 40.74
N GLU B 421 22.13 -14.24 40.96
CA GLU B 421 23.04 -14.87 41.91
C GLU B 421 23.78 -16.02 41.25
N ARG B 422 23.04 -17.07 40.92
CA ARG B 422 23.64 -18.25 40.30
C ARG B 422 22.97 -18.54 38.97
N VAL B 423 23.77 -18.93 37.98
CA VAL B 423 23.22 -19.25 36.67
C VAL B 423 23.38 -20.75 36.43
N GLU B 424 22.66 -21.27 35.45
CA GLU B 424 22.71 -22.70 35.17
C GLU B 424 22.62 -22.96 33.66
N LYS B 425 23.64 -23.60 33.12
CA LYS B 425 23.70 -23.90 31.68
C LYS B 425 23.31 -25.35 31.39
N ASP B 426 23.20 -25.68 30.11
CA ASP B 426 22.82 -27.04 29.71
C ASP B 426 23.99 -27.78 29.05
N ALA B 427 23.65 -28.69 28.14
CA ALA B 427 24.63 -29.48 27.42
C ALA B 427 25.60 -28.57 26.65
N GLU B 428 25.15 -28.02 25.54
CA GLU B 428 25.96 -27.14 24.71
C GLU B 428 26.46 -25.91 25.50
N GLY B 429 26.04 -25.80 26.76
CA GLY B 429 26.47 -24.67 27.57
C GLY B 429 25.59 -23.44 27.54
N ASN B 430 24.36 -23.58 27.06
CA ASN B 430 23.45 -22.44 27.02
C ASN B 430 22.76 -22.33 28.37
N ILE B 431 22.53 -21.10 28.82
CA ILE B 431 21.88 -20.90 30.10
C ILE B 431 20.44 -21.41 29.98
N THR B 432 20.00 -22.16 30.99
CA THR B 432 18.64 -22.68 30.98
C THR B 432 17.80 -21.95 32.02
N THR B 433 18.44 -21.54 33.11
CA THR B 433 17.71 -20.82 34.14
C THR B 433 18.59 -19.93 35.00
N ILE B 434 18.11 -18.72 35.25
CA ILE B 434 18.81 -17.72 36.03
C ILE B 434 18.20 -17.61 37.43
N PHE B 435 19.03 -17.80 38.44
CA PHE B 435 18.59 -17.74 39.82
C PHE B 435 18.86 -16.38 40.43
N CYS B 436 17.85 -15.80 41.07
CA CYS B 436 17.99 -14.49 41.68
C CYS B 436 17.27 -14.48 43.02
N THR B 437 17.29 -13.31 43.66
CA THR B 437 16.62 -13.11 44.93
C THR B 437 16.00 -11.73 44.80
N TYR B 438 14.89 -11.49 45.49
CA TYR B 438 14.26 -10.18 45.38
C TYR B 438 14.13 -9.45 46.71
N ASP B 439 14.05 -8.13 46.66
CA ASP B 439 13.94 -7.33 47.87
C ASP B 439 12.51 -7.31 48.40
N ALA B 440 12.38 -7.41 49.72
CA ALA B 440 11.08 -7.41 50.40
C ALA B 440 10.15 -6.36 49.78
N ASP B 441 10.44 -5.09 50.03
CA ASP B 441 9.63 -4.02 49.48
C ASP B 441 10.46 -3.05 48.66
N THR B 442 10.43 -3.24 47.35
CA THR B 442 11.18 -2.38 46.45
C THR B 442 10.27 -1.86 45.34
N LEU B 443 9.24 -1.12 45.74
CA LEU B 443 8.29 -0.55 44.79
C LEU B 443 7.23 0.28 45.50
N GLY B 455 19.44 -0.50 35.64
CA GLY B 455 18.37 -0.39 34.57
C GLY B 455 17.07 -1.12 34.86
N VAL B 456 16.22 -1.25 33.84
CA VAL B 456 14.92 -1.91 33.96
C VAL B 456 14.64 -2.84 32.78
N ILE B 457 14.16 -4.04 33.06
CA ILE B 457 13.82 -4.98 32.00
C ILE B 457 12.39 -5.46 32.21
N HIS B 458 11.76 -5.90 31.13
CA HIS B 458 10.39 -6.39 31.19
C HIS B 458 10.38 -7.89 31.47
N TRP B 459 9.23 -8.40 31.87
CA TRP B 459 9.11 -9.82 32.22
C TRP B 459 7.66 -10.29 32.16
N VAL B 460 7.48 -11.60 32.29
CA VAL B 460 6.17 -12.24 32.31
C VAL B 460 6.19 -13.42 33.27
N SER B 461 5.17 -13.51 34.12
CA SER B 461 5.08 -14.61 35.08
C SER B 461 4.84 -15.91 34.33
N ALA B 462 5.81 -16.82 34.38
CA ALA B 462 5.72 -18.10 33.67
C ALA B 462 4.39 -18.82 33.89
N ALA B 463 3.92 -18.81 35.14
CA ALA B 463 2.67 -19.48 35.48
C ALA B 463 1.44 -18.86 34.81
N HIS B 464 1.43 -17.54 34.65
CA HIS B 464 0.29 -16.89 34.04
C HIS B 464 0.58 -16.46 32.60
N ALA B 465 1.71 -16.89 32.07
CA ALA B 465 2.08 -16.49 30.71
C ALA B 465 1.22 -17.11 29.63
N LEU B 466 0.96 -16.30 28.61
CA LEU B 466 0.16 -16.71 27.45
C LEU B 466 1.14 -17.04 26.32
N PRO B 467 1.19 -18.30 25.89
CA PRO B 467 2.09 -18.72 24.80
C PRO B 467 1.75 -17.91 23.55
N VAL B 468 2.75 -17.30 22.94
CA VAL B 468 2.52 -16.47 21.77
C VAL B 468 3.53 -16.59 20.64
N GLU B 469 3.02 -16.55 19.40
CA GLU B 469 3.91 -16.58 18.25
C GLU B 469 4.16 -15.13 17.90
N ILE B 470 5.43 -14.76 17.78
CA ILE B 470 5.76 -13.39 17.44
C ILE B 470 6.45 -13.33 16.08
N ARG B 471 5.89 -12.54 15.18
CA ARG B 471 6.46 -12.40 13.84
C ARG B 471 7.19 -11.08 13.67
N LEU B 472 8.52 -11.16 13.64
CA LEU B 472 9.33 -9.98 13.45
C LEU B 472 9.52 -9.79 11.97
N TYR B 473 9.30 -8.57 11.49
CA TYR B 473 9.44 -8.28 10.07
C TYR B 473 10.58 -7.31 9.85
N ASP B 474 11.05 -7.23 8.62
CA ASP B 474 12.14 -6.33 8.29
C ASP B 474 12.02 -6.02 6.80
N ARG B 475 12.86 -5.13 6.29
CA ARG B 475 12.79 -4.75 4.88
C ARG B 475 12.69 -5.96 3.96
N LEU B 476 11.78 -5.90 3.00
CA LEU B 476 11.57 -7.00 2.06
C LEU B 476 12.82 -7.29 1.24
N PHE B 477 13.49 -6.24 0.81
CA PHE B 477 14.69 -6.39 -0.01
C PHE B 477 15.96 -5.97 0.70
N SER B 478 17.09 -6.44 0.21
CA SER B 478 18.38 -6.12 0.80
C SER B 478 18.90 -4.78 0.31
N VAL B 479 18.51 -4.37 -0.89
CA VAL B 479 18.99 -3.11 -1.45
C VAL B 479 17.95 -1.97 -1.46
N PRO B 480 18.42 -0.71 -1.40
CA PRO B 480 17.56 0.48 -1.40
C PRO B 480 16.62 0.55 -2.60
N ASN B 481 17.13 0.20 -3.77
CA ASN B 481 16.34 0.25 -5.00
C ASN B 481 16.28 -1.11 -5.70
N PRO B 482 15.49 -2.05 -5.15
CA PRO B 482 15.37 -3.37 -5.77
C PRO B 482 14.82 -3.33 -7.20
N GLY B 483 14.01 -2.31 -7.49
CA GLY B 483 13.43 -2.19 -8.80
C GLY B 483 14.45 -2.03 -9.90
N ALA B 484 15.59 -1.44 -9.56
CA ALA B 484 16.67 -1.20 -10.51
C ALA B 484 17.58 -2.41 -10.69
N ALA B 485 17.31 -3.48 -9.97
CA ALA B 485 18.13 -4.67 -10.09
C ALA B 485 17.69 -5.46 -11.31
N ASP B 486 18.63 -6.19 -11.91
CA ASP B 486 18.31 -6.99 -13.09
C ASP B 486 17.18 -7.93 -12.75
N ASP B 487 17.39 -8.73 -11.72
CA ASP B 487 16.42 -9.69 -11.23
C ASP B 487 16.11 -9.28 -9.79
N PHE B 488 15.11 -8.41 -9.61
CA PHE B 488 14.80 -7.95 -8.26
C PHE B 488 14.48 -9.08 -7.30
N LEU B 489 13.93 -10.19 -7.80
CA LEU B 489 13.60 -11.30 -6.93
C LEU B 489 14.83 -11.90 -6.22
N SER B 490 15.96 -11.88 -6.91
CA SER B 490 17.20 -12.43 -6.38
C SER B 490 17.81 -11.55 -5.31
N VAL B 491 17.17 -10.42 -5.02
CA VAL B 491 17.70 -9.51 -4.03
C VAL B 491 16.78 -9.37 -2.81
N ILE B 492 15.90 -10.36 -2.64
CA ILE B 492 14.98 -10.40 -1.53
C ILE B 492 15.75 -10.70 -0.23
N ASN B 493 15.33 -10.07 0.87
CA ASN B 493 15.98 -10.28 2.16
C ASN B 493 15.43 -11.53 2.82
N PRO B 494 16.26 -12.59 2.90
CA PRO B 494 15.92 -13.89 3.49
C PRO B 494 15.41 -13.80 4.92
N GLU B 495 15.69 -12.67 5.56
CA GLU B 495 15.23 -12.45 6.92
C GLU B 495 14.18 -11.35 6.99
N SER B 496 13.41 -11.17 5.92
CA SER B 496 12.36 -10.14 5.90
C SER B 496 11.28 -10.54 6.92
N LEU B 497 11.29 -11.83 7.26
CA LEU B 497 10.36 -12.40 8.23
C LEU B 497 11.07 -13.46 9.07
N VAL B 498 10.97 -13.32 10.38
CA VAL B 498 11.60 -14.27 11.29
C VAL B 498 10.58 -14.54 12.40
N ILE B 499 10.26 -15.81 12.60
CA ILE B 499 9.26 -16.17 13.59
C ILE B 499 9.82 -16.65 14.93
N LYS B 500 9.27 -16.13 16.01
CA LYS B 500 9.72 -16.47 17.35
C LYS B 500 8.58 -16.91 18.27
N GLN B 501 8.86 -17.85 19.15
CA GLN B 501 7.84 -18.32 20.09
C GLN B 501 8.19 -17.73 21.45
N GLY B 502 7.26 -16.97 22.04
CA GLY B 502 7.51 -16.36 23.33
C GLY B 502 6.35 -16.34 24.30
N PHE B 503 6.43 -15.46 25.29
CA PHE B 503 5.37 -15.36 26.30
C PHE B 503 4.88 -13.93 26.52
N ALA B 504 3.56 -13.79 26.63
CA ALA B 504 2.93 -12.49 26.85
C ALA B 504 2.09 -12.54 28.13
N GLU B 505 1.88 -11.37 28.73
CA GLU B 505 1.09 -11.28 29.95
C GLU B 505 -0.33 -11.70 29.58
N PRO B 506 -1.02 -12.43 30.48
CA PRO B 506 -2.39 -12.91 30.28
C PRO B 506 -3.34 -11.87 29.68
N SER B 507 -3.05 -10.61 29.97
CA SER B 507 -3.83 -9.47 29.50
C SER B 507 -4.12 -9.52 27.99
N LEU B 508 -3.12 -9.88 27.19
CA LEU B 508 -3.26 -9.95 25.74
C LEU B 508 -4.27 -11.01 25.29
N LYS B 509 -4.79 -11.78 26.22
CA LYS B 509 -5.77 -12.82 25.89
C LYS B 509 -6.94 -12.20 25.15
N ASP B 510 -7.17 -10.91 25.35
CA ASP B 510 -8.29 -10.24 24.71
C ASP B 510 -7.90 -9.43 23.48
N ALA B 511 -6.62 -9.42 23.15
CA ALA B 511 -6.14 -8.67 21.99
C ALA B 511 -7.00 -8.93 20.76
N VAL B 512 -7.35 -7.87 20.04
CA VAL B 512 -8.17 -8.01 18.84
C VAL B 512 -7.34 -7.63 17.62
N ALA B 513 -7.66 -8.27 16.49
CA ALA B 513 -6.95 -8.02 15.25
C ALA B 513 -6.93 -6.54 14.90
N GLY B 514 -5.80 -6.09 14.35
CA GLY B 514 -5.68 -4.69 13.96
C GLY B 514 -5.29 -3.76 15.09
N LYS B 515 -5.83 -4.00 16.29
CA LYS B 515 -5.53 -3.18 17.46
C LYS B 515 -4.05 -3.33 17.83
N ALA B 516 -3.36 -2.22 17.99
CA ALA B 516 -1.95 -2.27 18.32
C ALA B 516 -1.64 -2.04 19.80
N PHE B 517 -0.54 -2.64 20.24
CA PHE B 517 -0.05 -2.50 21.61
C PHE B 517 1.43 -2.21 21.50
N GLN B 518 2.00 -1.66 22.56
CA GLN B 518 3.43 -1.43 22.57
C GLN B 518 3.94 -2.50 23.53
N PHE B 519 4.86 -3.33 23.07
CA PHE B 519 5.43 -4.32 23.96
C PHE B 519 6.65 -3.56 24.46
N GLU B 520 6.53 -3.01 25.67
CA GLU B 520 7.60 -2.23 26.27
C GLU B 520 9.00 -2.80 26.03
N ARG B 521 9.91 -1.90 25.70
CA ARG B 521 11.30 -2.22 25.42
C ARG B 521 11.49 -3.06 24.16
N GLU B 522 10.47 -3.11 23.32
CA GLU B 522 10.53 -3.88 22.07
C GLU B 522 9.99 -3.11 20.86
N GLY B 523 8.68 -2.93 20.81
CA GLY B 523 8.09 -2.21 19.69
C GLY B 523 6.57 -2.29 19.72
N TYR B 524 5.94 -1.94 18.61
CA TYR B 524 4.48 -1.99 18.51
C TYR B 524 4.07 -3.27 17.80
N PHE B 525 3.11 -3.99 18.37
CA PHE B 525 2.64 -5.24 17.77
C PHE B 525 1.13 -5.24 17.67
N CYS B 526 0.60 -6.14 16.84
CA CYS B 526 -0.84 -6.27 16.69
C CYS B 526 -1.15 -7.72 16.35
N LEU B 527 -2.39 -8.12 16.54
CA LEU B 527 -2.83 -9.50 16.31
C LEU B 527 -3.07 -9.93 14.85
N ASP B 528 -4.19 -10.64 14.63
CA ASP B 528 -4.59 -11.19 13.33
C ASP B 528 -3.47 -11.89 12.61
N SER B 529 -2.77 -11.14 11.77
CA SER B 529 -1.67 -11.69 10.99
C SER B 529 -2.27 -12.76 10.10
N ARG B 530 -3.59 -12.91 10.17
CA ARG B 530 -4.35 -13.89 9.40
C ARG B 530 -4.18 -15.30 10.00
N HIS B 531 -3.21 -15.45 10.89
CA HIS B 531 -2.92 -16.75 11.50
C HIS B 531 -3.35 -16.96 12.95
N SER B 532 -3.47 -15.90 13.74
CA SER B 532 -3.82 -16.07 15.15
C SER B 532 -5.13 -16.80 15.37
N THR B 533 -5.08 -17.83 16.22
CA THR B 533 -6.24 -18.63 16.57
C THR B 533 -6.60 -18.32 18.02
N ALA B 534 -7.39 -19.19 18.63
CA ALA B 534 -7.78 -19.02 20.03
C ALA B 534 -6.71 -19.69 20.89
N GLU B 535 -6.20 -20.81 20.38
CA GLU B 535 -5.17 -21.57 21.07
C GLU B 535 -3.84 -20.83 21.00
N LYS B 536 -3.37 -20.59 19.78
CA LYS B 536 -2.09 -19.91 19.59
C LYS B 536 -2.18 -18.56 18.88
N PRO B 537 -2.16 -17.47 19.66
CA PRO B 537 -2.22 -16.12 19.11
C PRO B 537 -0.97 -15.78 18.31
N VAL B 538 -1.13 -14.94 17.30
CA VAL B 538 -0.01 -14.52 16.46
C VAL B 538 0.02 -12.98 16.39
N PHE B 539 1.19 -12.43 16.72
CA PHE B 539 1.40 -10.99 16.73
C PHE B 539 2.44 -10.57 15.73
N ASN B 540 2.11 -9.54 14.96
CA ASN B 540 3.01 -9.00 13.97
C ASN B 540 3.73 -7.79 14.55
N ARG B 541 5.05 -7.72 14.43
CA ARG B 541 5.74 -6.53 14.91
C ARG B 541 5.53 -5.46 13.84
N THR B 542 4.74 -4.44 14.15
CA THR B 542 4.49 -3.38 13.20
C THR B 542 5.78 -2.63 12.95
N VAL B 543 6.46 -2.28 14.05
CA VAL B 543 7.72 -1.57 13.98
C VAL B 543 8.41 -1.55 15.35
N GLY B 544 9.75 -1.58 15.33
CA GLY B 544 10.51 -1.56 16.56
C GLY B 544 10.58 -0.17 17.16
N LEU B 545 10.96 -0.10 18.42
CA LEU B 545 11.09 1.18 19.12
C LEU B 545 12.38 1.83 18.64
N ARG B 546 12.45 3.16 18.72
CA ARG B 546 13.68 3.83 18.30
C ARG B 546 14.80 3.36 19.21
N ASP B 547 15.71 2.56 18.68
CA ASP B 547 16.80 2.02 19.47
C ASP B 547 18.15 2.55 18.99
N THR B 548 18.76 3.44 19.78
CA THR B 548 20.05 4.00 19.41
C THR B 548 21.16 3.47 20.33
#